data_3IBD
#
_entry.id   3IBD
#
_cell.length_a   89.573
_cell.length_b   55.740
_cell.length_c   99.090
_cell.angle_alpha   90.00
_cell.angle_beta   96.51
_cell.angle_gamma   90.00
#
_symmetry.space_group_name_H-M   'C 1 2 1'
#
loop_
_entity.id
_entity.type
_entity.pdbx_description
1 polymer 'Cytochrome P450 2B6'
2 non-polymer 'PROTOPORPHYRIN IX CONTAINING FE'
3 non-polymer 4-(4-CHLOROPHENYL)IMIDAZOLE
4 non-polymer 5-CYCLOHEXYL-1-PENTYL-BETA-D-MALTOSIDE
5 non-polymer 'THIOCYANATE ION'
6 water water
#
_entity_poly.entity_id   1
_entity_poly.type   'polypeptide(L)'
_entity_poly.pdbx_seq_one_letter_code
;MAKKTSSKGKLPPGPRPLPLLGNLLQMDRRGLLKSFLRFREKYGDVFTVHLGPRPVVMLCGVEAIREALVDKAEAFSGRG
KIAMVDPFFRGYGVIFANGNRWKVLRRFSVTTMRDFGMGKRSVEERIQEEAQCLIEELRKSKGALMDPTFLFQSITANII
CSIVFGKRFHYQDQEFLKMLNLFYQTFSLISSVFGQLFELFSGFLKHFPGAHRQVYKNLQEINAYIGHSVEKHRETLDPS
APRDLIDTYLLHMEKEKSNAHSEFSHQNLNLNTLSLFFAGTETTSTTLRYGFLLMLKYPHVAERVYREIEQVIGPHRPPE
LHDRAKMPYTEAVIYEIQRFSDLLPMGVPHIVTQHTSFRGYIIPKDTEVFLILSTALHDPHYFEKPDAFNPDHFLDANGA
LKKTEAFIPFSLGKRICLGEGIARAELFLFFTTILQNFSMASPVAPEDIDLTPQECGVGKIPPTYQIRFLPRHHHH
;
_entity_poly.pdbx_strand_id   A
#
loop_
_chem_comp.id
_chem_comp.type
_chem_comp.name
_chem_comp.formula
CM5 non-polymer 5-CYCLOHEXYL-1-PENTYL-BETA-D-MALTOSIDE 'C23 H42 O11'
CPZ non-polymer 4-(4-CHLOROPHENYL)IMIDAZOLE 'C9 H7 Cl N2'
HEM non-polymer 'PROTOPORPHYRIN IX CONTAINING FE' 'C34 H32 Fe N4 O4'
SCN non-polymer 'THIOCYANATE ION' 'C N S -1'
#
# COMPACT_ATOMS: atom_id res chain seq x y z
N GLY A 9 12.60 31.86 10.84
CA GLY A 9 13.72 31.18 11.42
C GLY A 9 14.44 30.44 10.33
N LYS A 10 15.06 29.30 10.59
CA LYS A 10 15.61 28.48 9.51
C LYS A 10 15.45 26.95 9.53
N LEU A 11 16.54 26.20 9.51
CA LEU A 11 16.48 24.72 9.38
C LEU A 11 15.98 23.95 10.58
N PRO A 12 15.21 22.90 10.40
CA PRO A 12 14.75 22.14 11.58
C PRO A 12 15.92 21.52 12.39
N PRO A 13 15.78 21.39 13.70
CA PRO A 13 16.92 20.84 14.45
C PRO A 13 17.13 19.32 14.16
N GLY A 14 18.27 18.78 14.56
CA GLY A 14 18.50 17.34 14.44
C GLY A 14 19.90 16.95 14.82
N PRO A 15 20.20 15.64 14.77
CA PRO A 15 21.51 15.15 15.23
C PRO A 15 22.62 15.70 14.33
N ARG A 16 23.81 15.97 14.89
CA ARG A 16 24.97 16.51 14.14
C ARG A 16 25.56 15.43 13.21
N PRO A 17 25.60 15.67 11.90
CA PRO A 17 26.06 14.64 10.96
C PRO A 17 27.55 14.63 10.73
N LEU A 18 28.08 13.47 10.29
CA LEU A 18 29.42 13.39 9.69
C LEU A 18 29.32 13.58 8.17
N PRO A 19 30.35 14.21 7.55
CA PRO A 19 30.41 14.58 6.11
C PRO A 19 29.92 13.51 5.12
N LEU A 20 30.45 12.28 5.20
CA LEU A 20 29.96 11.20 4.29
C LEU A 20 28.93 10.24 4.90
N LEU A 21 28.99 10.07 6.22
CA LEU A 21 28.19 9.07 6.89
C LEU A 21 26.83 9.63 7.32
N GLY A 22 26.66 10.95 7.23
CA GLY A 22 25.51 11.64 7.78
C GLY A 22 25.29 11.25 9.21
N ASN A 23 24.08 10.80 9.55
CA ASN A 23 23.76 10.38 10.93
C ASN A 23 23.73 8.86 11.13
N LEU A 24 24.45 8.13 10.30
CA LEU A 24 24.47 6.66 10.40
C LEU A 24 24.78 6.19 11.82
N LEU A 25 25.78 6.78 12.45
CA LEU A 25 26.22 6.30 13.77
C LEU A 25 25.25 6.65 14.90
N GLN A 26 24.31 7.56 14.66
CA GLN A 26 23.27 7.83 15.63
C GLN A 26 22.04 6.97 15.39
N MET A 27 22.06 6.13 14.37
CA MET A 27 20.88 5.38 13.99
C MET A 27 20.67 4.23 14.96
N ASP A 28 19.42 3.77 15.04
CA ASP A 28 19.09 2.55 15.76
C ASP A 28 19.39 1.42 14.77
N ARG A 29 20.18 0.44 15.23
CA ARG A 29 20.67 -0.63 14.38
C ARG A 29 19.55 -1.54 13.85
N ARG A 30 18.36 -1.47 14.45
CA ARG A 30 17.25 -2.25 13.96
C ARG A 30 16.44 -1.65 12.79
N GLY A 31 16.71 -0.38 12.41
CA GLY A 31 16.08 0.18 11.25
C GLY A 31 15.83 1.69 11.23
N LEU A 32 15.39 2.17 10.07
CA LEU A 32 15.11 3.58 9.89
C LEU A 32 14.00 4.07 10.80
N LEU A 33 12.87 3.37 10.85
CA LEU A 33 11.73 3.87 11.63
C LEU A 33 12.08 4.01 13.11
N LYS A 34 12.69 2.98 13.68
CA LYS A 34 13.10 3.01 15.09
C LYS A 34 14.07 4.15 15.29
N SER A 35 14.99 4.32 14.35
CA SER A 35 15.91 5.44 14.39
C SER A 35 15.17 6.78 14.48
N PHE A 36 14.15 6.98 13.64
CA PHE A 36 13.48 8.28 13.57
C PHE A 36 12.64 8.53 14.80
N LEU A 37 12.03 7.49 15.33
CA LEU A 37 11.24 7.65 16.53
C LEU A 37 12.12 8.06 17.70
N ARG A 38 13.36 7.62 17.70
CA ARG A 38 14.29 8.03 18.77
C ARG A 38 14.74 9.51 18.66
N PHE A 39 15.08 9.93 17.43
CA PHE A 39 15.27 11.38 17.14
C PHE A 39 14.05 12.26 17.51
N ARG A 40 12.83 11.75 17.29
CA ARG A 40 11.60 12.49 17.63
C ARG A 40 11.51 12.74 19.15
N GLU A 41 11.93 11.78 19.94
CA GLU A 41 11.84 11.94 21.42
C GLU A 41 12.77 13.10 21.87
N LYS A 42 13.90 13.27 21.18
CA LYS A 42 14.88 14.28 21.52
C LYS A 42 14.57 15.63 20.86
N TYR A 43 14.12 15.60 19.61
CA TYR A 43 14.05 16.81 18.82
C TYR A 43 12.64 17.31 18.58
N GLY A 44 11.63 16.52 18.92
CA GLY A 44 10.21 16.89 18.73
C GLY A 44 9.67 16.50 17.36
N ASP A 45 8.60 17.14 16.93
CA ASP A 45 7.88 16.70 15.75
C ASP A 45 8.40 17.09 14.38
N VAL A 46 9.37 18.00 14.29
CA VAL A 46 9.89 18.44 13.00
C VAL A 46 11.40 18.49 13.20
N PHE A 47 12.13 17.65 12.44
CA PHE A 47 13.55 17.54 12.59
C PHE A 47 14.20 17.05 11.33
N THR A 48 15.52 17.26 11.24
CA THR A 48 16.34 16.90 10.09
C THR A 48 17.28 15.74 10.40
N VAL A 49 17.40 14.81 9.44
CA VAL A 49 18.27 13.66 9.58
C VAL A 49 19.02 13.62 8.25
N HIS A 50 20.31 13.37 8.29
CA HIS A 50 21.10 13.25 7.11
C HIS A 50 21.21 11.75 6.83
N LEU A 51 20.62 11.36 5.69
CA LEU A 51 20.70 10.01 5.19
C LEU A 51 21.83 10.01 4.17
N GLY A 52 22.99 9.52 4.55
CA GLY A 52 24.16 9.66 3.69
C GLY A 52 24.40 11.13 3.48
N PRO A 53 24.60 11.55 2.23
CA PRO A 53 24.93 12.98 2.04
C PRO A 53 23.72 13.91 2.04
N ARG A 54 22.55 13.33 2.26
CA ARG A 54 21.26 13.98 2.01
C ARG A 54 20.50 14.40 3.26
N PRO A 55 20.17 15.70 3.45
CA PRO A 55 19.30 16.06 4.56
C PRO A 55 17.84 15.69 4.24
N VAL A 56 17.15 15.06 5.18
CA VAL A 56 15.71 14.89 4.96
C VAL A 56 14.98 15.34 6.22
N VAL A 57 13.87 16.05 6.03
CA VAL A 57 13.03 16.51 7.11
C VAL A 57 11.93 15.48 7.42
N MET A 58 11.80 15.16 8.71
CA MET A 58 10.76 14.29 9.23
C MET A 58 9.65 15.06 9.91
N LEU A 59 8.40 14.82 9.55
CA LEU A 59 7.26 15.38 10.26
C LEU A 59 6.54 14.24 10.90
N CYS A 60 6.27 14.40 12.18
CA CYS A 60 5.65 13.40 13.00
C CYS A 60 4.46 13.98 13.71
N GLY A 61 3.50 13.14 13.99
CA GLY A 61 2.33 13.58 14.71
C GLY A 61 1.24 14.00 13.77
N VAL A 62 0.01 13.80 14.21
CA VAL A 62 -1.17 14.14 13.44
C VAL A 62 -1.20 15.59 12.99
N GLU A 63 -0.92 16.53 13.91
CA GLU A 63 -1.03 17.97 13.58
C GLU A 63 0.02 18.40 12.52
N ALA A 64 1.24 17.99 12.70
CA ALA A 64 2.28 18.42 11.78
C ALA A 64 2.05 17.85 10.38
N ILE A 65 1.60 16.60 10.29
CA ILE A 65 1.39 15.97 8.95
C ILE A 65 0.23 16.62 8.19
N ARG A 66 -0.88 16.89 8.90
CA ARG A 66 -2.01 17.54 8.30
C ARG A 66 -1.69 18.94 7.86
N GLU A 67 -0.98 19.68 8.70
CA GLU A 67 -0.48 21.00 8.33
C GLU A 67 0.30 21.05 7.03
N ALA A 68 1.21 20.11 6.83
CA ALA A 68 1.96 20.04 5.58
C ALA A 68 1.08 19.65 4.42
N LEU A 69 0.47 18.48 4.55
CA LEU A 69 -0.22 17.85 3.42
C LEU A 69 -1.55 18.48 3.00
N VAL A 70 -2.28 19.04 3.92
CA VAL A 70 -3.50 19.75 3.56
C VAL A 70 -3.37 21.28 3.56
N ASP A 71 -2.70 21.87 4.55
CA ASP A 71 -2.58 23.32 4.63
C ASP A 71 -1.54 23.89 3.67
N LYS A 72 -0.48 23.13 3.39
CA LYS A 72 0.56 23.53 2.45
C LYS A 72 0.61 22.54 1.30
N ALA A 73 -0.56 22.27 0.73
CA ALA A 73 -0.82 21.06 -0.07
C ALA A 73 0.00 20.95 -1.29
N GLU A 74 0.15 22.10 -1.97
CA GLU A 74 0.92 22.15 -3.21
C GLU A 74 2.43 22.14 -2.99
N ALA A 75 2.92 22.93 -2.03
CA ALA A 75 4.36 22.86 -1.68
C ALA A 75 4.82 21.44 -1.33
N PHE A 76 3.99 20.72 -0.58
CA PHE A 76 4.35 19.32 -0.17
C PHE A 76 3.94 18.23 -1.16
N SER A 77 3.57 18.63 -2.37
CA SER A 77 3.01 17.72 -3.37
C SER A 77 4.08 17.01 -4.20
N GLY A 78 5.35 17.28 -3.95
CA GLY A 78 6.41 16.60 -4.72
C GLY A 78 6.62 15.18 -4.20
N ARG A 79 7.08 14.30 -5.08
CA ARG A 79 7.40 12.92 -4.77
C ARG A 79 8.91 12.76 -4.66
N GLY A 80 9.38 12.20 -3.54
CA GLY A 80 10.81 12.01 -3.32
C GLY A 80 11.20 10.69 -3.94
N LYS A 81 12.48 10.34 -3.96
CA LYS A 81 12.81 9.06 -4.57
C LYS A 81 12.94 7.97 -3.52
N ILE A 82 12.62 6.73 -3.93
CA ILE A 82 12.90 5.54 -3.14
C ILE A 82 14.05 4.83 -3.86
N ALA A 83 15.23 4.90 -3.24
CA ALA A 83 16.50 4.65 -3.90
C ALA A 83 16.54 3.30 -4.61
N MET A 84 15.92 2.29 -3.97
CA MET A 84 15.93 0.91 -4.46
C MET A 84 15.18 0.67 -5.78
N VAL A 85 14.12 1.44 -6.06
CA VAL A 85 13.35 1.28 -7.32
C VAL A 85 13.50 2.45 -8.33
N ASP A 86 14.01 3.59 -7.88
CA ASP A 86 14.15 4.74 -8.77
C ASP A 86 14.96 4.42 -10.05
N PRO A 87 16.01 3.61 -9.92
CA PRO A 87 16.76 3.33 -11.18
C PRO A 87 15.90 2.69 -12.25
N PHE A 88 14.94 1.88 -11.83
CA PHE A 88 14.02 1.28 -12.76
C PHE A 88 12.95 2.26 -13.31
N PHE A 89 12.15 2.82 -12.42
CA PHE A 89 11.08 3.71 -12.79
C PHE A 89 11.47 5.10 -13.37
N ARG A 90 12.43 5.74 -12.76
CA ARG A 90 12.92 7.01 -13.23
C ARG A 90 11.83 8.03 -13.40
N GLY A 91 10.92 8.09 -12.46
CA GLY A 91 9.90 9.12 -12.48
C GLY A 91 8.71 8.84 -13.38
N TYR A 92 8.55 7.61 -13.90
CA TYR A 92 7.31 7.20 -14.64
C TYR A 92 6.32 6.49 -13.75
N GLY A 93 5.02 6.58 -14.04
CA GLY A 93 3.98 5.97 -13.22
C GLY A 93 3.42 7.03 -12.31
N VAL A 94 2.16 6.90 -11.91
CA VAL A 94 1.56 7.93 -11.03
C VAL A 94 2.36 8.05 -9.73
N ILE A 95 2.84 6.91 -9.18
CA ILE A 95 3.52 6.92 -7.88
C ILE A 95 4.78 7.78 -7.89
N PHE A 96 5.54 7.68 -8.97
CA PHE A 96 6.89 8.21 -8.96
C PHE A 96 7.01 9.51 -9.73
N ALA A 97 5.92 9.95 -10.35
CA ALA A 97 5.98 11.09 -11.26
C ALA A 97 5.93 12.37 -10.45
N ASN A 98 6.41 13.42 -11.08
CA ASN A 98 6.32 14.76 -10.53
C ASN A 98 5.78 15.78 -11.53
N GLY A 99 5.46 16.98 -11.04
CA GLY A 99 5.00 18.11 -11.89
C GLY A 99 3.85 17.81 -12.82
N ASN A 100 3.97 18.25 -14.07
CA ASN A 100 2.91 18.09 -15.06
C ASN A 100 2.62 16.68 -15.51
N ARG A 101 3.67 15.89 -15.79
CA ARG A 101 3.55 14.46 -15.99
C ARG A 101 2.65 13.83 -14.91
N TRP A 102 2.89 14.18 -13.65
CA TRP A 102 2.13 13.62 -12.54
C TRP A 102 0.69 14.10 -12.57
N LYS A 103 0.48 15.42 -12.62
CA LYS A 103 -0.89 15.98 -12.62
C LYS A 103 -1.76 15.36 -13.72
N VAL A 104 -1.17 15.21 -14.90
CA VAL A 104 -1.92 14.77 -16.07
C VAL A 104 -2.22 13.27 -16.00
N LEU A 105 -1.24 12.49 -15.56
CA LEU A 105 -1.42 11.05 -15.33
C LEU A 105 -2.48 10.78 -14.26
N ARG A 106 -2.37 11.48 -13.14
CA ARG A 106 -3.27 11.26 -12.05
C ARG A 106 -4.70 11.68 -12.38
N ARG A 107 -4.89 12.81 -13.08
CA ARG A 107 -6.23 13.22 -13.50
C ARG A 107 -6.87 12.22 -14.48
N PHE A 108 -6.08 11.67 -15.38
CA PHE A 108 -6.59 10.71 -16.34
C PHE A 108 -7.04 9.42 -15.67
N SER A 109 -6.23 8.92 -14.73
CA SER A 109 -6.60 7.80 -13.84
C SER A 109 -7.96 7.98 -13.22
N VAL A 110 -8.13 9.13 -12.58
CA VAL A 110 -9.34 9.51 -11.86
C VAL A 110 -10.56 9.53 -12.81
N THR A 111 -10.45 10.26 -13.92
CA THR A 111 -11.56 10.33 -14.90
C THR A 111 -11.83 8.97 -15.56
N THR A 112 -10.78 8.17 -15.76
CA THR A 112 -10.97 6.85 -16.34
C THR A 112 -11.77 5.94 -15.42
N MET A 113 -11.42 5.95 -14.15
CA MET A 113 -12.09 5.08 -13.21
C MET A 113 -13.53 5.54 -12.84
N ARG A 114 -13.82 6.85 -13.00
CA ARG A 114 -15.20 7.32 -12.84
C ARG A 114 -16.06 6.76 -13.97
N ASP A 115 -15.48 6.63 -15.15
CA ASP A 115 -16.18 6.02 -16.29
C ASP A 115 -16.18 4.49 -16.22
N PHE A 116 -15.27 3.90 -15.44
CA PHE A 116 -15.17 2.41 -15.31
C PHE A 116 -16.42 1.82 -14.67
N GLY A 117 -17.02 0.90 -15.41
CA GLY A 117 -18.20 0.17 -15.00
C GLY A 117 -19.51 0.59 -15.63
N MET A 118 -19.61 1.80 -16.18
CA MET A 118 -20.80 2.12 -16.93
C MET A 118 -20.79 1.22 -18.17
N GLY A 119 -19.64 1.20 -18.83
CA GLY A 119 -19.36 0.33 -19.95
C GLY A 119 -19.21 -1.15 -19.60
N LYS A 120 -18.54 -1.38 -18.48
CA LYS A 120 -18.16 -2.71 -18.02
C LYS A 120 -18.49 -2.85 -16.53
N ARG A 121 -18.53 -4.08 -16.05
CA ARG A 121 -18.90 -4.33 -14.67
C ARG A 121 -17.97 -3.55 -13.71
N SER A 122 -18.55 -3.02 -12.64
CA SER A 122 -17.84 -2.21 -11.65
C SER A 122 -16.67 -2.92 -10.96
N VAL A 123 -15.80 -2.14 -10.33
CA VAL A 123 -14.73 -2.69 -9.50
C VAL A 123 -15.29 -3.53 -8.35
N GLU A 124 -16.34 -3.07 -7.69
CA GLU A 124 -16.96 -3.88 -6.63
C GLU A 124 -17.38 -5.26 -7.19
N GLU A 125 -17.97 -5.27 -8.39
CA GLU A 125 -18.40 -6.52 -8.99
C GLU A 125 -17.23 -7.45 -9.25
N ARG A 126 -16.09 -6.90 -9.65
CA ARG A 126 -14.90 -7.72 -9.90
C ARG A 126 -14.32 -8.27 -8.60
N ILE A 127 -14.46 -7.48 -7.53
CA ILE A 127 -13.91 -7.91 -6.24
C ILE A 127 -14.83 -9.02 -5.71
N GLN A 128 -16.13 -8.88 -5.85
CA GLN A 128 -17.06 -9.94 -5.46
C GLN A 128 -16.83 -11.25 -6.22
N GLU A 129 -16.63 -11.15 -7.53
CA GLU A 129 -16.24 -12.31 -8.35
C GLU A 129 -14.97 -12.96 -7.88
N GLU A 130 -13.94 -12.17 -7.53
CA GLU A 130 -12.74 -12.76 -7.00
C GLU A 130 -12.97 -13.39 -5.64
N ALA A 131 -13.75 -12.75 -4.78
CA ALA A 131 -14.06 -13.31 -3.43
C ALA A 131 -14.76 -14.66 -3.58
N GLN A 132 -15.64 -14.75 -4.60
CA GLN A 132 -16.35 -15.99 -4.92
C GLN A 132 -15.41 -17.12 -5.28
N CYS A 133 -14.50 -16.86 -6.22
CA CYS A 133 -13.46 -17.79 -6.50
C CYS A 133 -12.58 -18.17 -5.29
N LEU A 134 -12.21 -17.18 -4.47
CA LEU A 134 -11.44 -17.49 -3.26
C LEU A 134 -12.11 -18.51 -2.33
N ILE A 135 -13.38 -18.31 -2.02
CA ILE A 135 -14.05 -19.18 -1.06
C ILE A 135 -14.30 -20.58 -1.59
N GLU A 136 -14.40 -20.73 -2.93
CA GLU A 136 -14.45 -22.05 -3.53
C GLU A 136 -13.09 -22.75 -3.44
N GLU A 137 -12.00 -22.01 -3.62
CA GLU A 137 -10.66 -22.53 -3.35
C GLU A 137 -10.42 -22.85 -1.86
N LEU A 138 -10.91 -22.00 -0.95
CA LEU A 138 -10.74 -22.31 0.48
C LEU A 138 -11.53 -23.58 0.84
N ARG A 139 -12.72 -23.74 0.29
CA ARG A 139 -13.56 -24.96 0.46
C ARG A 139 -12.81 -26.18 -0.01
N LYS A 140 -12.20 -26.05 -1.20
CA LYS A 140 -11.44 -27.11 -1.81
C LYS A 140 -10.23 -27.54 -0.94
N SER A 141 -9.70 -26.65 -0.09
CA SER A 141 -8.61 -27.05 0.82
C SER A 141 -9.04 -28.05 1.91
N LYS A 142 -10.33 -28.12 2.19
CA LYS A 142 -10.91 -29.05 3.17
C LYS A 142 -10.25 -29.00 4.55
N GLY A 143 -10.09 -27.79 5.10
CA GLY A 143 -9.51 -27.62 6.42
C GLY A 143 -8.02 -27.90 6.55
N ALA A 144 -7.29 -27.97 5.44
CA ALA A 144 -5.85 -28.15 5.52
C ALA A 144 -5.17 -26.88 6.00
N LEU A 145 -4.01 -27.08 6.68
CA LEU A 145 -3.22 -25.98 7.17
C LEU A 145 -2.49 -25.43 5.95
N MET A 146 -2.39 -24.12 5.84
CA MET A 146 -1.73 -23.51 4.71
C MET A 146 -1.14 -22.17 5.19
N ASP A 147 -0.07 -21.75 4.54
CA ASP A 147 0.42 -20.41 4.66
C ASP A 147 -0.40 -19.58 3.64
N PRO A 148 -1.29 -18.64 4.08
CA PRO A 148 -2.20 -18.02 3.10
C PRO A 148 -1.52 -16.94 2.20
N THR A 149 -0.21 -16.77 2.32
CA THR A 149 0.46 -15.64 1.69
C THR A 149 0.15 -15.61 0.18
N PHE A 150 0.33 -16.76 -0.48
CA PHE A 150 0.20 -16.87 -1.93
C PHE A 150 -1.20 -16.59 -2.39
N LEU A 151 -2.18 -17.02 -1.61
CA LEU A 151 -3.57 -16.78 -1.98
C LEU A 151 -3.92 -15.30 -1.86
N PHE A 152 -3.46 -14.68 -0.78
CA PHE A 152 -3.73 -13.27 -0.55
C PHE A 152 -3.05 -12.40 -1.61
N GLN A 153 -1.83 -12.74 -1.96
CA GLN A 153 -1.15 -12.11 -3.10
C GLN A 153 -1.92 -12.27 -4.43
N SER A 154 -2.46 -13.46 -4.66
CA SER A 154 -3.19 -13.82 -5.89
C SER A 154 -4.47 -13.06 -6.05
N ILE A 155 -5.24 -12.93 -4.97
CA ILE A 155 -6.53 -12.21 -5.05
C ILE A 155 -6.35 -10.72 -5.33
N THR A 156 -5.37 -10.07 -4.71
CA THR A 156 -5.19 -8.67 -4.95
C THR A 156 -4.57 -8.46 -6.33
N ALA A 157 -3.61 -9.29 -6.70
CA ALA A 157 -3.09 -9.24 -8.07
C ALA A 157 -4.21 -9.42 -9.15
N ASN A 158 -5.08 -10.41 -8.92
CA ASN A 158 -6.22 -10.64 -9.81
C ASN A 158 -7.22 -9.49 -9.94
N ILE A 159 -7.40 -8.68 -8.89
CA ILE A 159 -8.27 -7.50 -9.05
C ILE A 159 -7.64 -6.52 -10.06
N ILE A 160 -6.34 -6.26 -9.94
CA ILE A 160 -5.69 -5.34 -10.91
C ILE A 160 -5.65 -6.00 -12.31
N CYS A 161 -5.31 -7.29 -12.39
CA CYS A 161 -5.34 -8.01 -13.66
CA CYS A 161 -5.32 -7.98 -13.67
C CYS A 161 -6.70 -7.85 -14.33
N SER A 162 -7.76 -7.96 -13.54
CA SER A 162 -9.10 -7.87 -14.10
C SER A 162 -9.42 -6.47 -14.62
N ILE A 163 -9.05 -5.43 -13.88
CA ILE A 163 -9.26 -4.04 -14.34
C ILE A 163 -8.43 -3.71 -15.60
N VAL A 164 -7.14 -4.05 -15.53
CA VAL A 164 -6.13 -3.61 -16.50
C VAL A 164 -6.11 -4.49 -17.75
N PHE A 165 -6.09 -5.81 -17.57
CA PHE A 165 -6.10 -6.78 -18.65
C PHE A 165 -7.39 -7.51 -18.93
N GLY A 166 -8.40 -7.26 -18.12
CA GLY A 166 -9.72 -7.84 -18.36
C GLY A 166 -9.75 -9.35 -18.17
N LYS A 167 -8.73 -9.92 -17.51
CA LYS A 167 -8.71 -11.37 -17.19
C LYS A 167 -8.22 -11.67 -15.76
N ARG A 168 -8.45 -12.90 -15.31
CA ARG A 168 -8.13 -13.42 -13.98
C ARG A 168 -7.15 -14.54 -14.24
N PHE A 169 -6.22 -14.79 -13.30
CA PHE A 169 -5.41 -16.02 -13.36
C PHE A 169 -5.88 -17.07 -12.31
N HIS A 170 -5.79 -18.35 -12.65
CA HIS A 170 -6.17 -19.39 -11.70
C HIS A 170 -5.12 -19.51 -10.61
N TYR A 171 -5.57 -19.88 -9.41
CA TYR A 171 -4.73 -19.85 -8.24
C TYR A 171 -3.58 -20.84 -8.39
N GLN A 172 -3.78 -21.85 -9.24
CA GLN A 172 -2.75 -22.88 -9.38
C GLN A 172 -1.83 -22.75 -10.58
N ASP A 173 -2.15 -21.80 -11.46
CA ASP A 173 -1.34 -21.41 -12.60
C ASP A 173 0.13 -21.11 -12.25
N GLN A 174 1.04 -21.93 -12.76
CA GLN A 174 2.46 -21.86 -12.34
C GLN A 174 3.23 -20.61 -12.81
N GLU A 175 2.92 -20.17 -14.01
CA GLU A 175 3.48 -18.93 -14.53
C GLU A 175 3.02 -17.71 -13.71
N PHE A 176 1.74 -17.68 -13.34
CA PHE A 176 1.16 -16.67 -12.43
C PHE A 176 1.93 -16.68 -11.12
N LEU A 177 2.08 -17.86 -10.51
CA LEU A 177 2.74 -17.92 -9.19
C LEU A 177 4.20 -17.47 -9.26
N LYS A 178 4.88 -17.85 -10.35
CA LYS A 178 6.25 -17.38 -10.62
C LYS A 178 6.33 -15.86 -10.61
N MET A 179 5.46 -15.20 -11.37
CA MET A 179 5.37 -13.74 -11.34
C MET A 179 5.09 -13.15 -9.97
N LEU A 180 4.11 -13.71 -9.26
CA LEU A 180 3.84 -13.22 -7.93
C LEU A 180 5.06 -13.37 -7.04
N ASN A 181 5.82 -14.46 -7.19
CA ASN A 181 7.02 -14.62 -6.34
C ASN A 181 8.03 -13.49 -6.58
N LEU A 182 8.20 -13.10 -7.85
CA LEU A 182 9.06 -11.97 -8.22
C LEU A 182 8.71 -10.66 -7.58
N PHE A 183 7.41 -10.32 -7.51
CA PHE A 183 6.99 -9.17 -6.71
C PHE A 183 7.29 -9.34 -5.24
N TYR A 184 6.86 -10.48 -4.70
CA TYR A 184 6.95 -10.65 -3.26
C TYR A 184 8.42 -10.43 -2.91
N GLN A 185 9.31 -11.05 -3.69
CA GLN A 185 10.73 -11.04 -3.42
C GLN A 185 11.24 -9.62 -3.51
N THR A 186 10.73 -8.91 -4.51
CA THR A 186 11.12 -7.50 -4.72
C THR A 186 10.79 -6.65 -3.51
N PHE A 187 9.59 -6.83 -2.95
CA PHE A 187 9.21 -6.05 -1.78
C PHE A 187 10.01 -6.41 -0.58
N SER A 188 10.29 -7.70 -0.34
CA SER A 188 11.18 -7.96 0.81
C SER A 188 12.60 -7.47 0.64
N LEU A 189 13.09 -7.40 -0.59
CA LEU A 189 14.44 -6.84 -0.82
C LEU A 189 14.44 -5.33 -0.49
N ILE A 190 13.41 -4.63 -0.95
CA ILE A 190 13.31 -3.17 -0.78
C ILE A 190 13.34 -2.84 0.73
N SER A 191 12.68 -3.67 1.54
CA SER A 191 12.57 -3.43 2.99
C SER A 191 13.58 -4.13 3.83
N SER A 192 14.51 -4.85 3.22
CA SER A 192 15.56 -5.55 3.94
C SER A 192 16.57 -4.57 4.55
N VAL A 193 17.47 -5.08 5.39
CA VAL A 193 18.56 -4.24 5.91
C VAL A 193 19.37 -3.61 4.77
N PHE A 194 19.68 -4.37 3.74
CA PHE A 194 20.39 -3.80 2.61
C PHE A 194 19.59 -2.67 1.93
N GLY A 195 18.29 -2.87 1.74
CA GLY A 195 17.44 -1.86 1.14
C GLY A 195 17.42 -0.55 1.92
N GLN A 196 17.42 -0.65 3.24
CA GLN A 196 17.50 0.55 4.08
C GLN A 196 18.85 1.24 4.01
N LEU A 197 19.91 0.46 3.89
CA LEU A 197 21.26 1.01 3.70
C LEU A 197 21.42 1.69 2.36
N PHE A 198 20.83 1.09 1.30
CA PHE A 198 20.81 1.72 -0.03
C PHE A 198 20.11 3.06 0.00
N GLU A 199 19.10 3.16 0.84
CA GLU A 199 18.38 4.43 1.01
C GLU A 199 19.36 5.58 1.39
N LEU A 200 20.34 5.26 2.24
CA LEU A 200 21.33 6.23 2.70
C LEU A 200 22.52 6.38 1.74
N PHE A 201 23.02 5.27 1.22
CA PHE A 201 24.28 5.25 0.48
C PHE A 201 24.21 4.77 -0.97
N SER A 202 23.06 4.90 -1.63
CA SER A 202 22.95 4.43 -3.03
C SER A 202 24.04 5.02 -3.92
N GLY A 203 24.40 6.28 -3.66
CA GLY A 203 25.44 6.96 -4.42
C GLY A 203 26.71 6.16 -4.61
N PHE A 204 27.21 5.49 -3.56
CA PHE A 204 28.33 4.57 -3.85
C PHE A 204 27.98 3.09 -3.85
N LEU A 205 26.95 2.66 -3.11
CA LEU A 205 26.55 1.25 -3.15
C LEU A 205 26.08 0.78 -4.53
N LYS A 206 25.58 1.69 -5.36
CA LYS A 206 25.12 1.31 -6.71
C LYS A 206 26.21 0.66 -7.57
N HIS A 207 27.47 0.90 -7.22
CA HIS A 207 28.63 0.41 -8.01
C HIS A 207 28.95 -1.07 -7.74
N PHE A 208 28.30 -1.63 -6.73
CA PHE A 208 28.57 -2.98 -6.25
C PHE A 208 27.42 -3.95 -6.53
N PRO A 209 27.72 -5.27 -6.54
CA PRO A 209 26.61 -6.24 -6.56
C PRO A 209 25.71 -6.03 -5.35
N GLY A 210 24.48 -6.49 -5.40
CA GLY A 210 23.64 -6.39 -4.22
C GLY A 210 22.17 -6.40 -4.55
N ALA A 211 21.34 -6.32 -3.51
CA ALA A 211 19.91 -6.46 -3.67
C ALA A 211 19.31 -5.47 -4.68
N HIS A 212 19.86 -4.25 -4.78
CA HIS A 212 19.35 -3.26 -5.76
C HIS A 212 19.42 -3.80 -7.19
N ARG A 213 20.40 -4.62 -7.49
CA ARG A 213 20.47 -5.21 -8.84
C ARG A 213 19.44 -6.29 -9.03
N GLN A 214 19.23 -7.09 -7.99
CA GLN A 214 18.21 -8.11 -8.05
C GLN A 214 16.81 -7.50 -8.23
N VAL A 215 16.55 -6.39 -7.54
CA VAL A 215 15.28 -5.67 -7.65
C VAL A 215 15.07 -5.16 -9.10
N TYR A 216 16.15 -4.63 -9.69
CA TYR A 216 16.08 -4.04 -11.05
C TYR A 216 15.74 -5.16 -11.99
N LYS A 217 16.41 -6.31 -11.78
CA LYS A 217 16.25 -7.50 -12.56
C LYS A 217 14.84 -8.08 -12.48
N ASN A 218 14.26 -8.11 -11.28
CA ASN A 218 12.90 -8.55 -11.08
C ASN A 218 11.86 -7.68 -11.79
N LEU A 219 12.02 -6.37 -11.63
CA LEU A 219 11.18 -5.40 -12.28
C LEU A 219 11.28 -5.48 -13.82
N GLN A 220 12.48 -5.71 -14.37
CA GLN A 220 12.65 -5.88 -15.78
C GLN A 220 11.87 -7.07 -16.31
N GLU A 221 12.00 -8.20 -15.62
CA GLU A 221 11.20 -9.40 -15.90
C GLU A 221 9.71 -9.22 -15.88
N ILE A 222 9.19 -8.58 -14.82
CA ILE A 222 7.80 -8.24 -14.73
C ILE A 222 7.35 -7.28 -15.86
N ASN A 223 8.14 -6.24 -16.14
CA ASN A 223 7.80 -5.27 -17.16
C ASN A 223 7.79 -5.89 -18.56
N ALA A 224 8.62 -6.93 -18.76
CA ALA A 224 8.56 -7.79 -19.96
C ALA A 224 7.21 -8.57 -20.13
N TYR A 225 6.69 -9.21 -19.07
CA TYR A 225 5.36 -9.81 -19.21
C TYR A 225 4.33 -8.72 -19.59
N ILE A 226 4.36 -7.59 -18.88
CA ILE A 226 3.42 -6.50 -19.09
C ILE A 226 3.53 -5.97 -20.51
N GLY A 227 4.74 -5.62 -20.94
CA GLY A 227 4.98 -5.15 -22.31
C GLY A 227 4.49 -6.09 -23.43
N HIS A 228 4.65 -7.39 -23.23
CA HIS A 228 4.22 -8.37 -24.19
C HIS A 228 2.70 -8.33 -24.24
N SER A 229 2.08 -8.25 -23.09
CA SER A 229 0.64 -8.23 -23.05
C SER A 229 0.07 -6.92 -23.60
N VAL A 230 0.75 -5.81 -23.33
CA VAL A 230 0.35 -4.54 -23.91
C VAL A 230 0.46 -4.54 -25.46
N GLU A 231 1.54 -5.14 -25.98
CA GLU A 231 1.73 -5.29 -27.41
C GLU A 231 0.62 -6.14 -28.08
N LYS A 232 0.20 -7.23 -27.42
CA LYS A 232 -0.92 -8.07 -27.89
C LYS A 232 -2.25 -7.29 -27.94
N HIS A 233 -2.47 -6.44 -26.93
CA HIS A 233 -3.58 -5.48 -26.96
C HIS A 233 -3.55 -4.51 -28.12
N ARG A 234 -2.40 -3.90 -28.42
CA ARG A 234 -2.28 -3.02 -29.60
C ARG A 234 -2.58 -3.77 -30.91
N GLU A 235 -2.10 -5.01 -30.99
CA GLU A 235 -2.20 -5.77 -32.23
C GLU A 235 -3.64 -6.18 -32.48
N THR A 236 -4.38 -6.38 -31.40
CA THR A 236 -5.74 -6.87 -31.51
C THR A 236 -6.83 -5.83 -31.12
N LEU A 237 -6.43 -4.56 -30.99
CA LEU A 237 -7.34 -3.52 -30.53
C LEU A 237 -8.58 -3.39 -31.45
N ASP A 238 -9.74 -3.61 -30.85
CA ASP A 238 -11.02 -3.43 -31.52
C ASP A 238 -11.77 -2.24 -30.88
N PRO A 239 -11.83 -1.10 -31.60
CA PRO A 239 -12.42 0.11 -31.07
C PRO A 239 -13.85 -0.07 -30.62
N SER A 240 -14.62 -0.91 -31.30
CA SER A 240 -16.03 -1.10 -30.88
C SER A 240 -16.21 -2.02 -29.67
N ALA A 241 -15.15 -2.71 -29.24
CA ALA A 241 -15.24 -3.52 -28.02
C ALA A 241 -13.94 -3.35 -27.27
N PRO A 242 -13.78 -2.22 -26.58
CA PRO A 242 -12.62 -2.07 -25.69
C PRO A 242 -12.76 -3.04 -24.49
N ARG A 243 -11.69 -3.78 -24.18
CA ARG A 243 -11.76 -4.90 -23.20
C ARG A 243 -11.50 -4.53 -21.73
N ASP A 244 -10.67 -3.51 -21.52
CA ASP A 244 -10.04 -3.33 -20.24
C ASP A 244 -9.42 -1.96 -20.25
N LEU A 245 -8.86 -1.57 -19.11
CA LEU A 245 -8.11 -0.33 -18.99
C LEU A 245 -7.04 -0.15 -20.04
N ILE A 246 -6.27 -1.19 -20.36
CA ILE A 246 -5.20 -1.02 -21.35
C ILE A 246 -5.83 -0.57 -22.68
N ASP A 247 -6.95 -1.17 -23.10
CA ASP A 247 -7.66 -0.77 -24.35
C ASP A 247 -8.14 0.71 -24.30
N THR A 248 -8.62 1.13 -23.12
CA THR A 248 -8.96 2.54 -22.85
C THR A 248 -7.80 3.52 -23.02
N TYR A 249 -6.64 3.19 -22.48
CA TYR A 249 -5.42 3.99 -22.63
C TYR A 249 -4.97 4.00 -24.09
N LEU A 250 -4.95 2.82 -24.69
CA LEU A 250 -4.59 2.75 -26.10
C LEU A 250 -5.47 3.65 -27.00
N LEU A 251 -6.79 3.60 -26.84
CA LEU A 251 -7.73 4.32 -27.71
C LEU A 251 -7.58 5.82 -27.54
N HIS A 252 -7.41 6.24 -26.28
CA HIS A 252 -7.12 7.60 -25.90
C HIS A 252 -5.82 8.09 -26.54
N MET A 253 -4.73 7.35 -26.32
CA MET A 253 -3.45 7.59 -26.97
C MET A 253 -3.59 7.78 -28.51
N GLU A 254 -4.42 6.95 -29.15
CA GLU A 254 -4.63 7.05 -30.61
C GLU A 254 -5.41 8.30 -31.01
N LYS A 255 -6.29 8.75 -30.15
CA LYS A 255 -7.09 9.89 -30.46
C LYS A 255 -6.29 11.17 -30.19
N GLU A 256 -5.50 11.15 -29.12
CA GLU A 256 -4.67 12.28 -28.72
C GLU A 256 -3.27 12.15 -29.30
N LYS A 257 -3.07 11.12 -30.10
CA LYS A 257 -1.77 10.82 -30.69
C LYS A 257 -1.25 11.93 -31.59
N SER A 258 -2.16 12.59 -32.31
CA SER A 258 -1.80 13.68 -33.21
C SER A 258 -1.16 14.90 -32.55
N ASN A 259 -1.65 15.29 -31.38
CA ASN A 259 -1.15 16.48 -30.69
C ASN A 259 -0.39 16.22 -29.39
N ALA A 260 0.80 16.80 -29.28
CA ALA A 260 1.65 16.63 -28.10
C ALA A 260 1.36 17.60 -26.96
N HIS A 261 0.24 17.39 -26.27
CA HIS A 261 -0.13 18.17 -25.09
C HIS A 261 -0.73 17.18 -24.11
N SER A 262 -0.66 17.44 -22.81
CA SER A 262 -1.21 16.44 -21.92
C SER A 262 -0.74 15.23 -22.68
N GLU A 263 0.45 15.39 -23.25
CA GLU A 263 0.98 14.41 -24.18
C GLU A 263 1.18 13.06 -23.54
N PHE A 264 0.71 12.05 -24.26
CA PHE A 264 0.92 10.68 -23.86
C PHE A 264 2.40 10.40 -23.91
N SER A 265 3.08 10.98 -24.88
CA SER A 265 4.49 10.62 -25.14
C SER A 265 5.55 11.13 -24.13
N HIS A 266 5.15 11.86 -23.08
CA HIS A 266 6.03 12.05 -21.90
C HIS A 266 5.62 11.05 -20.81
N GLN A 267 4.97 10.00 -21.30
CA GLN A 267 4.44 8.92 -20.48
C GLN A 267 4.98 7.62 -21.00
N ASN A 268 4.89 6.59 -20.18
CA ASN A 268 5.23 5.27 -20.59
C ASN A 268 4.13 4.33 -20.10
N LEU A 269 3.42 3.75 -21.06
CA LEU A 269 2.30 2.88 -20.74
C LEU A 269 2.71 1.68 -19.93
N ASN A 270 3.86 1.09 -20.25
CA ASN A 270 4.27 -0.16 -19.59
C ASN A 270 4.61 0.11 -18.14
N LEU A 271 5.39 1.16 -17.92
CA LEU A 271 5.81 1.59 -16.58
C LEU A 271 4.66 2.05 -15.72
N ASN A 272 3.72 2.81 -16.30
CA ASN A 272 2.52 3.19 -15.58
CA ASN A 272 2.46 3.19 -15.67
C ASN A 272 1.71 1.98 -15.15
N THR A 273 1.60 0.97 -15.99
CA THR A 273 0.87 -0.26 -15.70
C THR A 273 1.57 -1.05 -14.60
N LEU A 274 2.88 -1.20 -14.74
CA LEU A 274 3.68 -1.85 -13.71
C LEU A 274 3.55 -1.17 -12.37
N SER A 275 3.60 0.15 -12.37
CA SER A 275 3.52 0.88 -11.10
C SER A 275 2.12 0.66 -10.46
N LEU A 276 1.08 0.47 -11.30
CA LEU A 276 -0.26 0.12 -10.80
C LEU A 276 -0.23 -1.22 -10.08
N PHE A 277 0.38 -2.23 -10.70
CA PHE A 277 0.64 -3.51 -10.03
C PHE A 277 1.51 -3.38 -8.74
N PHE A 278 2.57 -2.60 -8.81
CA PHE A 278 3.52 -2.38 -7.71
C PHE A 278 2.76 -1.76 -6.48
N ALA A 279 2.01 -0.69 -6.71
CA ALA A 279 1.23 -0.07 -5.63
C ALA A 279 0.09 -0.94 -5.20
N GLY A 280 -0.53 -1.61 -6.16
CA GLY A 280 -1.81 -2.31 -5.98
C GLY A 280 -1.86 -3.71 -5.36
N THR A 281 -0.74 -4.44 -5.40
CA THR A 281 -0.78 -5.85 -5.02
C THR A 281 -0.38 -6.05 -3.55
N GLU A 282 0.76 -5.47 -3.17
CA GLU A 282 1.43 -5.88 -1.96
C GLU A 282 0.90 -5.36 -0.65
N THR A 283 0.76 -4.03 -0.50
CA THR A 283 0.14 -3.48 0.73
C THR A 283 -1.24 -4.07 1.07
N THR A 284 -2.11 -4.22 0.07
CA THR A 284 -3.41 -4.83 0.35
C THR A 284 -3.29 -6.30 0.81
N SER A 285 -2.51 -7.11 0.10
CA SER A 285 -2.33 -8.51 0.53
C SER A 285 -1.64 -8.61 1.91
N THR A 286 -0.73 -7.70 2.17
CA THR A 286 -0.03 -7.74 3.43
C THR A 286 -0.97 -7.32 4.55
N THR A 287 -1.91 -6.43 4.22
CA THR A 287 -2.96 -6.02 5.17
C THR A 287 -3.87 -7.21 5.51
N LEU A 288 -4.22 -7.97 4.50
CA LEU A 288 -5.04 -9.16 4.66
C LEU A 288 -4.31 -10.21 5.53
N ARG A 289 -3.03 -10.38 5.27
CA ARG A 289 -2.24 -11.33 5.97
C ARG A 289 -2.11 -11.04 7.45
N TYR A 290 -1.84 -9.78 7.74
CA TYR A 290 -1.77 -9.27 9.07
C TYR A 290 -3.14 -9.40 9.76
N GLY A 291 -4.18 -9.08 9.05
CA GLY A 291 -5.51 -9.16 9.60
C GLY A 291 -5.93 -10.56 10.03
N PHE A 292 -5.67 -11.57 9.22
CA PHE A 292 -5.92 -12.95 9.69
C PHE A 292 -5.00 -13.45 10.83
N LEU A 293 -3.75 -13.00 10.86
CA LEU A 293 -2.86 -13.31 11.99
C LEU A 293 -3.41 -12.68 13.29
N LEU A 294 -3.83 -11.43 13.17
CA LEU A 294 -4.43 -10.75 14.28
C LEU A 294 -5.69 -11.48 14.76
N MET A 295 -6.48 -12.02 13.83
CA MET A 295 -7.71 -12.77 14.17
C MET A 295 -7.44 -14.11 14.86
N LEU A 296 -6.27 -14.66 14.55
CA LEU A 296 -5.77 -15.86 15.21
C LEU A 296 -5.30 -15.57 16.65
N LYS A 297 -4.68 -14.41 16.84
CA LYS A 297 -4.21 -14.03 18.16
C LYS A 297 -5.39 -13.57 19.06
N TYR A 298 -6.40 -12.96 18.46
CA TYR A 298 -7.54 -12.42 19.20
C TYR A 298 -8.82 -13.07 18.66
N PRO A 299 -9.02 -14.37 18.93
CA PRO A 299 -10.12 -15.09 18.29
C PRO A 299 -11.53 -14.58 18.63
N HIS A 300 -11.74 -13.97 19.81
CA HIS A 300 -13.05 -13.40 20.10
C HIS A 300 -13.36 -12.30 19.08
N VAL A 301 -12.32 -11.63 18.57
CA VAL A 301 -12.57 -10.60 17.55
C VAL A 301 -13.15 -11.17 16.27
N ALA A 302 -12.54 -12.20 15.68
CA ALA A 302 -13.16 -12.80 14.51
C ALA A 302 -14.58 -13.34 14.81
N GLU A 303 -14.82 -13.90 15.99
CA GLU A 303 -16.17 -14.35 16.38
C GLU A 303 -17.20 -13.21 16.36
N ARG A 304 -16.84 -12.04 16.91
CA ARG A 304 -17.75 -10.90 16.91
C ARG A 304 -18.01 -10.37 15.49
N VAL A 305 -16.99 -10.39 14.61
CA VAL A 305 -17.20 -9.99 13.23
C VAL A 305 -18.23 -10.94 12.54
N TYR A 306 -18.12 -12.25 12.77
CA TYR A 306 -19.10 -13.22 12.25
C TYR A 306 -20.53 -12.97 12.71
N ARG A 307 -20.71 -12.64 13.98
CA ARG A 307 -22.04 -12.33 14.50
C ARG A 307 -22.70 -11.19 13.79
N GLU A 308 -21.95 -10.12 13.49
CA GLU A 308 -22.46 -9.03 12.65
C GLU A 308 -22.77 -9.45 11.21
N ILE A 309 -21.88 -10.22 10.60
CA ILE A 309 -22.18 -10.74 9.26
C ILE A 309 -23.47 -11.55 9.28
N GLU A 310 -23.59 -12.42 10.28
CA GLU A 310 -24.75 -13.31 10.38
C GLU A 310 -26.07 -12.51 10.49
N GLN A 311 -26.04 -11.52 11.36
CA GLN A 311 -27.13 -10.58 11.59
C GLN A 311 -27.47 -9.65 10.36
N VAL A 312 -26.48 -9.00 9.76
CA VAL A 312 -26.76 -8.02 8.69
C VAL A 312 -26.84 -8.67 7.31
N ILE A 313 -26.03 -9.68 7.03
CA ILE A 313 -25.94 -10.26 5.70
C ILE A 313 -26.56 -11.64 5.55
N GLY A 314 -26.28 -12.50 6.54
CA GLY A 314 -26.74 -13.89 6.54
C GLY A 314 -25.77 -14.80 5.81
N PRO A 315 -26.13 -16.09 5.66
CA PRO A 315 -25.23 -17.06 5.05
C PRO A 315 -25.40 -17.23 3.52
N HIS A 316 -26.39 -16.60 2.92
CA HIS A 316 -26.70 -16.97 1.53
C HIS A 316 -26.21 -15.93 0.52
N ARG A 317 -26.45 -14.65 0.81
CA ARG A 317 -26.15 -13.59 -0.17
C ARG A 317 -24.74 -13.00 0.00
N PRO A 318 -24.11 -12.57 -1.12
CA PRO A 318 -22.73 -12.13 -1.01
C PRO A 318 -22.58 -10.78 -0.29
N PRO A 319 -21.52 -10.61 0.51
CA PRO A 319 -21.32 -9.24 1.01
C PRO A 319 -21.25 -8.20 -0.12
N GLU A 320 -21.74 -6.98 0.16
CA GLU A 320 -21.82 -5.86 -0.79
C GLU A 320 -21.33 -4.65 -0.04
N LEU A 321 -20.90 -3.60 -0.76
CA LEU A 321 -20.34 -2.39 -0.14
C LEU A 321 -21.40 -1.61 0.63
N HIS A 322 -22.64 -1.72 0.18
CA HIS A 322 -23.79 -1.14 0.86
C HIS A 322 -23.91 -1.67 2.28
N ASP A 323 -23.45 -2.90 2.54
CA ASP A 323 -23.45 -3.51 3.89
C ASP A 323 -22.53 -2.84 4.91
N ARG A 324 -21.54 -2.10 4.43
CA ARG A 324 -20.53 -1.49 5.29
C ARG A 324 -21.19 -0.58 6.33
N ALA A 325 -22.07 0.30 5.89
CA ALA A 325 -22.71 1.27 6.81
C ALA A 325 -23.50 0.59 7.94
N LYS A 326 -23.94 -0.65 7.73
CA LYS A 326 -24.66 -1.39 8.79
C LYS A 326 -23.79 -2.30 9.67
N MET A 327 -22.47 -2.23 9.46
CA MET A 327 -21.57 -3.13 10.15
C MET A 327 -20.44 -2.35 10.84
N PRO A 328 -20.78 -1.50 11.83
CA PRO A 328 -19.78 -0.71 12.49
C PRO A 328 -18.70 -1.56 13.13
N TYR A 329 -19.02 -2.70 13.73
CA TYR A 329 -17.94 -3.50 14.38
C TYR A 329 -16.87 -3.98 13.34
N THR A 330 -17.36 -4.48 12.21
CA THR A 330 -16.49 -5.03 11.21
C THR A 330 -15.64 -3.90 10.61
N GLU A 331 -16.25 -2.74 10.36
CA GLU A 331 -15.46 -1.57 9.91
C GLU A 331 -14.41 -1.17 10.93
N ALA A 332 -14.75 -1.18 12.22
CA ALA A 332 -13.79 -0.85 13.28
C ALA A 332 -12.63 -1.83 13.32
N VAL A 333 -12.94 -3.13 13.12
CA VAL A 333 -11.91 -4.18 13.08
C VAL A 333 -10.95 -3.95 11.90
N ILE A 334 -11.48 -3.68 10.70
CA ILE A 334 -10.59 -3.40 9.57
C ILE A 334 -9.78 -2.12 9.77
N TYR A 335 -10.38 -1.07 10.32
CA TYR A 335 -9.60 0.15 10.63
C TYR A 335 -8.49 -0.17 11.62
N GLU A 336 -8.83 -0.97 12.62
CA GLU A 336 -7.81 -1.37 13.60
C GLU A 336 -6.70 -2.25 13.01
N ILE A 337 -7.03 -3.16 12.08
CA ILE A 337 -5.99 -3.94 11.37
C ILE A 337 -5.02 -2.97 10.66
N GLN A 338 -5.55 -1.97 9.99
CA GLN A 338 -4.72 -1.04 9.24
C GLN A 338 -3.89 -0.16 10.16
N ARG A 339 -4.50 0.28 11.27
CA ARG A 339 -3.86 1.19 12.21
C ARG A 339 -2.73 0.46 12.90
N PHE A 340 -3.02 -0.72 13.42
CA PHE A 340 -2.00 -1.58 14.07
C PHE A 340 -0.93 -2.10 13.12
N SER A 341 -1.29 -2.53 11.93
CA SER A 341 -0.28 -3.11 11.05
C SER A 341 0.66 -2.06 10.47
N ASP A 342 0.15 -0.84 10.23
CA ASP A 342 0.99 0.32 9.98
C ASP A 342 1.95 -0.04 8.80
N LEU A 343 1.37 -0.42 7.68
CA LEU A 343 2.16 -1.07 6.63
C LEU A 343 3.15 -0.15 5.84
N LEU A 344 2.88 1.16 5.79
CA LEU A 344 3.85 2.11 5.23
C LEU A 344 4.10 3.15 6.32
N PRO A 345 4.94 2.79 7.27
CA PRO A 345 5.05 3.52 8.51
C PRO A 345 5.63 4.91 8.29
N MET A 346 6.48 5.09 7.27
CA MET A 346 7.05 6.42 7.01
C MET A 346 6.41 6.98 5.76
N GLY A 347 5.29 6.35 5.35
CA GLY A 347 4.58 6.70 4.13
C GLY A 347 5.47 6.51 2.90
N VAL A 348 5.27 7.35 1.89
CA VAL A 348 6.15 7.33 0.72
C VAL A 348 6.78 8.76 0.63
N PRO A 349 8.09 8.86 0.34
CA PRO A 349 8.73 10.15 0.53
C PRO A 349 8.17 11.25 -0.34
N HIS A 350 8.12 12.45 0.20
CA HIS A 350 7.70 13.65 -0.55
C HIS A 350 8.94 14.53 -0.79
N ILE A 351 8.76 15.60 -1.55
CA ILE A 351 9.75 16.66 -1.59
C ILE A 351 8.99 17.99 -1.58
N VAL A 352 9.54 19.03 -0.95
CA VAL A 352 8.87 20.32 -1.03
C VAL A 352 9.29 20.99 -2.35
N THR A 353 8.33 21.50 -3.10
CA THR A 353 8.59 21.92 -4.47
C THR A 353 9.11 23.37 -4.50
N GLN A 354 8.93 24.12 -3.42
CA GLN A 354 9.40 25.52 -3.34
C GLN A 354 9.78 25.79 -1.89
N HIS A 355 10.63 26.78 -1.61
CA HIS A 355 10.96 27.15 -0.24
CA HIS A 355 10.95 27.04 -0.22
C HIS A 355 9.69 27.32 0.61
N THR A 356 9.62 26.67 1.76
CA THR A 356 8.35 26.59 2.47
C THR A 356 8.52 26.94 3.92
N SER A 357 7.70 27.86 4.45
CA SER A 357 7.69 28.11 5.89
C SER A 357 6.96 26.95 6.56
N PHE A 358 7.51 26.47 7.66
CA PHE A 358 6.86 25.42 8.44
C PHE A 358 7.21 25.46 9.94
N ARG A 359 6.23 25.82 10.75
CA ARG A 359 6.36 25.92 12.21
C ARG A 359 7.60 26.65 12.71
N GLY A 360 7.87 27.80 12.10
CA GLY A 360 9.02 28.61 12.47
C GLY A 360 10.26 28.28 11.68
N TYR A 361 10.25 27.21 10.91
CA TYR A 361 11.40 26.82 10.11
C TYR A 361 11.17 27.18 8.66
N ILE A 362 12.19 27.01 7.86
CA ILE A 362 12.09 27.18 6.44
C ILE A 362 12.73 25.97 5.82
N ILE A 363 11.94 25.24 5.06
CA ILE A 363 12.42 24.08 4.35
C ILE A 363 12.80 24.50 2.92
N PRO A 364 14.09 24.33 2.54
CA PRO A 364 14.55 24.64 1.20
C PRO A 364 13.81 23.92 0.07
N LYS A 365 13.55 24.62 -1.02
CA LYS A 365 13.08 24.00 -2.25
C LYS A 365 13.81 22.68 -2.50
N ASP A 366 13.07 21.65 -2.94
CA ASP A 366 13.65 20.33 -3.31
C ASP A 366 14.21 19.45 -2.15
N THR A 367 13.99 19.83 -0.91
CA THR A 367 14.35 18.99 0.25
C THR A 367 13.39 17.77 0.33
N GLU A 368 13.93 16.55 0.47
CA GLU A 368 13.09 15.39 0.75
C GLU A 368 12.38 15.48 2.14
N VAL A 369 11.13 15.06 2.16
CA VAL A 369 10.34 15.09 3.40
C VAL A 369 9.73 13.67 3.61
N PHE A 370 9.93 13.08 4.80
CA PHE A 370 9.19 11.87 5.21
C PHE A 370 8.11 12.29 6.18
N LEU A 371 6.86 11.95 5.90
CA LEU A 371 5.79 12.13 6.87
C LEU A 371 5.60 10.81 7.58
N ILE A 372 5.84 10.76 8.89
CA ILE A 372 5.92 9.51 9.60
C ILE A 372 4.50 9.12 9.98
N LEU A 373 3.79 8.49 9.03
CA LEU A 373 2.38 8.14 9.19
C LEU A 373 2.20 7.32 10.44
N SER A 374 3.17 6.44 10.71
CA SER A 374 3.15 5.64 11.93
C SER A 374 2.85 6.46 13.22
N THR A 375 3.37 7.69 13.30
CA THR A 375 3.25 8.50 14.51
C THR A 375 1.87 9.08 14.61
N ALA A 376 1.16 9.18 13.50
CA ALA A 376 -0.27 9.55 13.56
C ALA A 376 -1.10 8.34 14.02
N LEU A 377 -0.80 7.16 13.44
CA LEU A 377 -1.58 5.94 13.73
C LEU A 377 -1.40 5.45 15.17
N HIS A 378 -0.32 5.85 15.79
CA HIS A 378 -0.01 5.51 17.14
C HIS A 378 -0.10 6.63 18.16
N ASP A 379 -0.74 7.74 17.83
CA ASP A 379 -0.76 8.83 18.75
C ASP A 379 -1.64 8.51 19.93
N PRO A 380 -1.07 8.54 21.12
CA PRO A 380 -1.75 8.17 22.36
C PRO A 380 -2.92 9.07 22.72
N HIS A 381 -2.89 10.32 22.32
CA HIS A 381 -4.00 11.20 22.53
C HIS A 381 -5.25 10.68 21.83
N TYR A 382 -5.10 10.15 20.62
CA TYR A 382 -6.18 9.64 19.84
C TYR A 382 -6.46 8.20 20.08
N PHE A 383 -5.45 7.46 20.45
CA PHE A 383 -5.60 6.05 20.64
C PHE A 383 -5.02 5.66 21.97
N GLU A 384 -5.89 5.47 22.96
CA GLU A 384 -5.49 5.07 24.28
C GLU A 384 -4.81 3.70 24.16
N LYS A 385 -3.61 3.54 24.70
CA LYS A 385 -2.89 2.27 24.62
C LYS A 385 -2.67 1.89 23.13
N PRO A 386 -1.93 2.75 22.37
CA PRO A 386 -1.88 2.60 20.91
C PRO A 386 -1.02 1.41 20.42
N ASP A 387 -0.21 0.82 21.29
CA ASP A 387 0.57 -0.32 20.82
C ASP A 387 -0.18 -1.68 20.93
N ALA A 388 -1.36 -1.68 21.51
CA ALA A 388 -2.21 -2.89 21.57
C ALA A 388 -3.28 -2.89 20.46
N PHE A 389 -3.63 -4.09 19.99
CA PHE A 389 -4.68 -4.22 19.00
C PHE A 389 -6.03 -4.19 19.74
N ASN A 390 -6.87 -3.21 19.43
CA ASN A 390 -8.19 -3.12 20.04
C ASN A 390 -9.17 -2.39 19.14
N PRO A 391 -10.15 -3.11 18.56
CA PRO A 391 -11.16 -2.46 17.70
C PRO A 391 -11.97 -1.32 18.31
N ASP A 392 -12.10 -1.32 19.64
CA ASP A 392 -12.73 -0.21 20.38
C ASP A 392 -12.06 1.14 20.19
N HIS A 393 -10.82 1.15 19.68
CA HIS A 393 -10.19 2.39 19.22
C HIS A 393 -11.10 3.12 18.22
N PHE A 394 -11.92 2.39 17.47
CA PHE A 394 -12.78 3.01 16.44
C PHE A 394 -14.28 2.87 16.72
N LEU A 395 -14.64 2.69 17.98
CA LEU A 395 -16.05 2.55 18.37
C LEU A 395 -16.40 3.50 19.52
N ASP A 396 -17.56 4.12 19.43
CA ASP A 396 -18.02 4.91 20.58
C ASP A 396 -18.77 4.01 21.57
N ALA A 397 -19.12 4.54 22.74
CA ALA A 397 -19.84 3.77 23.77
C ALA A 397 -21.13 3.12 23.27
N ASN A 398 -21.79 3.77 22.32
CA ASN A 398 -22.99 3.23 21.69
C ASN A 398 -22.71 2.20 20.57
N GLY A 399 -21.42 1.88 20.36
CA GLY A 399 -21.04 0.90 19.36
C GLY A 399 -21.17 1.35 17.92
N ALA A 400 -21.23 2.65 17.69
CA ALA A 400 -21.21 3.17 16.34
C ALA A 400 -19.76 3.49 15.95
N LEU A 401 -19.49 3.52 14.65
CA LEU A 401 -18.12 3.81 14.16
C LEU A 401 -17.65 5.26 14.53
N LYS A 402 -16.54 5.33 15.26
CA LYS A 402 -15.98 6.59 15.71
C LYS A 402 -14.78 6.90 14.81
N LYS A 403 -14.97 7.70 13.76
CA LYS A 403 -13.86 8.13 12.87
C LYS A 403 -12.94 9.16 13.57
N THR A 404 -11.68 9.24 13.13
CA THR A 404 -10.76 10.15 13.75
C THR A 404 -9.74 10.71 12.76
N GLU A 405 -9.31 11.93 13.02
CA GLU A 405 -8.36 12.62 12.14
C GLU A 405 -6.98 11.97 12.18
N ALA A 406 -6.67 11.23 13.24
CA ALA A 406 -5.42 10.48 13.33
C ALA A 406 -5.32 9.33 12.34
N PHE A 407 -6.43 8.90 11.75
CA PHE A 407 -6.40 7.61 11.05
C PHE A 407 -6.08 7.90 9.62
N ILE A 408 -4.81 7.88 9.30
CA ILE A 408 -4.39 8.33 7.96
C ILE A 408 -3.51 7.30 7.26
N PRO A 409 -3.99 6.02 7.17
CA PRO A 409 -3.12 5.04 6.61
C PRO A 409 -2.86 5.21 5.12
N PHE A 410 -3.73 5.96 4.43
CA PHE A 410 -3.60 6.27 2.97
C PHE A 410 -2.94 7.64 2.70
N SER A 411 -2.46 8.23 3.79
CA SER A 411 -1.92 9.59 3.79
C SER A 411 -3.02 10.63 3.58
N LEU A 412 -2.61 11.84 3.13
CA LEU A 412 -3.53 12.95 2.96
C LEU A 412 -3.05 13.80 1.79
N GLY A 413 -3.93 14.63 1.31
CA GLY A 413 -3.61 15.75 0.39
C GLY A 413 -3.57 15.31 -1.03
N LYS A 414 -2.75 16.00 -1.79
CA LYS A 414 -2.68 15.88 -3.21
C LYS A 414 -2.23 14.49 -3.66
N ARG A 415 -1.37 13.90 -2.88
CA ARG A 415 -0.78 12.62 -3.15
C ARG A 415 -1.49 11.41 -2.47
N ILE A 416 -2.63 11.63 -1.86
CA ILE A 416 -3.32 10.60 -1.09
C ILE A 416 -3.54 9.37 -1.98
N CYS A 417 -3.30 8.21 -1.41
CA CYS A 417 -3.35 6.93 -2.12
C CYS A 417 -4.36 6.95 -3.23
N LEU A 418 -3.97 6.74 -4.48
CA LEU A 418 -4.92 6.71 -5.57
C LEU A 418 -5.89 5.52 -5.46
N GLY A 419 -5.46 4.43 -4.86
CA GLY A 419 -6.33 3.25 -4.78
C GLY A 419 -7.04 3.12 -3.45
N GLU A 420 -7.26 4.24 -2.73
CA GLU A 420 -7.85 4.19 -1.38
C GLU A 420 -9.22 3.49 -1.42
N GLY A 421 -10.07 3.91 -2.37
CA GLY A 421 -11.38 3.29 -2.58
C GLY A 421 -11.35 1.81 -2.90
N ILE A 422 -10.52 1.44 -3.86
CA ILE A 422 -10.34 0.04 -4.21
C ILE A 422 -9.77 -0.76 -3.01
N ALA A 423 -8.74 -0.24 -2.35
CA ALA A 423 -8.11 -0.93 -1.23
C ALA A 423 -9.18 -1.16 -0.15
N ARG A 424 -9.98 -0.15 0.14
CA ARG A 424 -11.02 -0.29 1.17
C ARG A 424 -12.09 -1.29 0.79
N ALA A 425 -12.42 -1.36 -0.52
CA ALA A 425 -13.42 -2.32 -1.03
C ALA A 425 -12.91 -3.74 -0.88
N GLU A 426 -11.65 -3.95 -1.25
CA GLU A 426 -11.04 -5.27 -1.16
C GLU A 426 -11.02 -5.77 0.29
N LEU A 427 -10.57 -4.92 1.22
CA LEU A 427 -10.44 -5.31 2.61
C LEU A 427 -11.79 -5.71 3.16
N PHE A 428 -12.80 -4.87 2.97
CA PHE A 428 -14.13 -5.18 3.46
C PHE A 428 -14.67 -6.46 2.82
N LEU A 429 -14.59 -6.55 1.50
CA LEU A 429 -15.23 -7.67 0.83
C LEU A 429 -14.49 -8.95 1.03
N PHE A 430 -13.17 -8.97 0.94
CA PHE A 430 -12.46 -10.21 1.20
C PHE A 430 -12.64 -10.65 2.66
N PHE A 431 -12.42 -9.74 3.60
CA PHE A 431 -12.56 -10.12 5.01
CA PHE A 431 -12.55 -10.07 5.02
C PHE A 431 -13.94 -10.72 5.29
N THR A 432 -15.03 -10.02 4.91
CA THR A 432 -16.37 -10.48 5.27
C THR A 432 -16.80 -11.70 4.47
N THR A 433 -16.32 -11.84 3.23
CA THR A 433 -16.73 -13.01 2.43
C THR A 433 -16.09 -14.32 2.94
N ILE A 434 -14.81 -14.25 3.28
CA ILE A 434 -14.13 -15.36 3.94
C ILE A 434 -14.86 -15.68 5.25
N LEU A 435 -15.00 -14.69 6.12
CA LEU A 435 -15.61 -14.93 7.43
C LEU A 435 -17.08 -15.36 7.41
N GLN A 436 -17.87 -14.87 6.44
CA GLN A 436 -19.22 -15.39 6.20
C GLN A 436 -19.20 -16.92 6.10
N ASN A 437 -18.17 -17.43 5.45
CA ASN A 437 -18.18 -18.84 4.99
C ASN A 437 -17.30 -19.77 5.81
N PHE A 438 -16.37 -19.22 6.57
CA PHE A 438 -15.36 -20.03 7.26
C PHE A 438 -15.01 -19.43 8.60
N SER A 439 -14.75 -20.29 9.59
CA SER A 439 -14.04 -19.88 10.79
C SER A 439 -12.57 -20.27 10.57
N MET A 440 -11.72 -19.86 11.50
CA MET A 440 -10.32 -20.03 11.27
C MET A 440 -9.66 -20.69 12.47
N ALA A 441 -8.58 -21.43 12.23
CA ALA A 441 -7.91 -22.03 13.37
C ALA A 441 -6.45 -22.09 13.04
N SER A 442 -5.67 -22.15 14.11
CA SER A 442 -4.27 -22.43 13.94
C SER A 442 -3.74 -23.32 15.05
N PRO A 443 -2.66 -24.04 14.77
CA PRO A 443 -1.96 -24.96 15.67
C PRO A 443 -1.17 -24.20 16.76
N VAL A 444 -0.93 -22.92 16.53
CA VAL A 444 -0.17 -22.06 17.46
C VAL A 444 -1.13 -21.32 18.42
N ALA A 445 -0.87 -21.42 19.71
CA ALA A 445 -1.72 -20.76 20.70
C ALA A 445 -1.51 -19.23 20.59
N PRO A 446 -2.53 -18.42 20.92
CA PRO A 446 -2.35 -16.96 20.84
C PRO A 446 -1.11 -16.45 21.57
N GLU A 447 -0.83 -16.98 22.77
CA GLU A 447 0.33 -16.57 23.54
C GLU A 447 1.66 -16.82 22.84
N ASP A 448 1.71 -17.80 21.92
CA ASP A 448 2.93 -18.07 21.19
C ASP A 448 2.95 -17.32 19.83
N ILE A 449 1.89 -16.54 19.56
CA ILE A 449 1.87 -15.75 18.32
C ILE A 449 2.57 -14.41 18.54
N ASP A 450 3.65 -14.22 17.78
CA ASP A 450 4.42 -12.97 17.81
C ASP A 450 3.96 -12.14 16.57
N LEU A 451 3.54 -10.90 16.80
CA LEU A 451 3.02 -10.07 15.71
C LEU A 451 4.09 -9.14 15.13
N THR A 452 5.33 -9.29 15.63
CA THR A 452 6.44 -8.42 15.20
C THR A 452 6.76 -8.69 13.73
N PRO A 453 6.83 -7.62 12.90
CA PRO A 453 7.06 -7.85 11.47
C PRO A 453 8.35 -8.57 11.26
N GLN A 454 8.42 -9.43 10.27
CA GLN A 454 9.69 -10.03 9.92
C GLN A 454 10.63 -9.04 9.19
N GLU A 455 10.05 -8.05 8.53
CA GLU A 455 10.83 -6.89 8.02
C GLU A 455 10.06 -5.61 8.28
N CYS A 456 10.79 -4.52 8.47
CA CYS A 456 10.16 -3.23 8.63
C CYS A 456 11.09 -2.19 8.01
N GLY A 457 10.86 -1.81 6.76
CA GLY A 457 11.70 -0.77 6.08
C GLY A 457 10.71 0.24 5.54
N VAL A 458 10.69 0.41 4.22
CA VAL A 458 9.61 1.16 3.57
C VAL A 458 8.27 0.54 3.94
N GLY A 459 8.17 -0.79 3.84
CA GLY A 459 6.97 -1.55 4.12
C GLY A 459 7.15 -2.43 5.34
N LYS A 460 6.05 -2.77 6.03
CA LYS A 460 6.10 -3.77 7.10
C LYS A 460 5.57 -5.08 6.53
N ILE A 461 6.26 -6.17 6.84
CA ILE A 461 5.89 -7.53 6.41
C ILE A 461 5.64 -8.43 7.65
N PRO A 462 4.43 -9.04 7.75
CA PRO A 462 4.07 -9.86 8.89
C PRO A 462 4.89 -11.14 8.85
N PRO A 463 5.05 -11.76 10.04
CA PRO A 463 5.70 -13.05 10.07
C PRO A 463 4.88 -14.12 9.32
N THR A 464 5.53 -15.20 8.92
CA THR A 464 4.89 -16.38 8.31
CA THR A 464 4.82 -16.31 8.30
C THR A 464 4.03 -17.10 9.34
N TYR A 465 2.87 -17.61 8.94
CA TYR A 465 2.08 -18.42 9.88
C TYR A 465 1.25 -19.38 9.05
N GLN A 466 0.70 -20.42 9.71
CA GLN A 466 -0.22 -21.39 9.10
C GLN A 466 -1.61 -21.12 9.64
N ILE A 467 -2.61 -21.38 8.83
CA ILE A 467 -4.04 -21.21 9.21
C ILE A 467 -4.86 -22.29 8.48
N ARG A 468 -6.01 -22.64 9.05
CA ARG A 468 -6.95 -23.46 8.32
C ARG A 468 -8.31 -22.77 8.40
N PHE A 469 -9.08 -22.95 7.34
CA PHE A 469 -10.41 -22.40 7.20
C PHE A 469 -11.40 -23.55 7.29
N LEU A 470 -12.30 -23.43 8.26
CA LEU A 470 -13.28 -24.49 8.55
C LEU A 470 -14.66 -24.01 8.11
N PRO A 471 -15.29 -24.74 7.22
CA PRO A 471 -16.59 -24.34 6.72
C PRO A 471 -17.62 -24.27 7.82
N ARG A 472 -18.43 -23.26 7.77
CA ARG A 472 -19.51 -23.08 8.69
C ARG A 472 -20.67 -24.06 8.51
N HIS A 473 -20.84 -24.55 7.29
CA HIS A 473 -22.04 -25.34 6.92
C HIS A 473 -21.75 -26.63 6.13
CHA HEM B . 0.18 6.00 -2.64
CHB HEM B . -1.20 3.56 1.28
CHC HEM B . -3.39 0.38 -1.61
CHD HEM B . -2.25 2.96 -5.54
C1A HEM B . 0.03 5.59 -1.34
C2A HEM B . 0.63 6.23 -0.20
C3A HEM B . 0.23 5.57 0.88
C4A HEM B . -0.62 4.47 0.46
CMA HEM B . 0.56 5.80 2.35
CAA HEM B . 1.56 7.49 -0.24
CBA HEM B . 0.70 8.75 -0.24
CGA HEM B . 1.67 9.96 -0.18
O1A HEM B . 2.62 10.07 -1.01
O2A HEM B . 1.54 10.79 0.73
C1B HEM B . -1.90 2.46 0.83
C2B HEM B . -2.40 1.35 1.64
C3B HEM B . -3.02 0.49 0.84
C4B HEM B . -2.88 0.99 -0.49
CMB HEM B . -2.23 1.32 3.18
CAB HEM B . -3.71 -0.88 1.16
CBB HEM B . -4.42 -1.12 2.27
C1C HEM B . -3.33 0.79 -2.91
C2C HEM B . -3.94 0.13 -4.05
C3C HEM B . -3.61 0.85 -5.13
C4C HEM B . -2.77 1.97 -4.71
CMC HEM B . -4.78 -1.17 -3.96
CAC HEM B . -3.94 0.63 -6.61
CBC HEM B . -5.23 0.57 -7.00
C1D HEM B . -1.45 4.00 -5.14
C2D HEM B . -0.88 5.01 -6.03
C3D HEM B . -0.10 5.93 -5.14
C4D HEM B . -0.31 5.44 -3.78
CMD HEM B . -1.00 4.96 -7.55
CAD HEM B . 0.72 7.18 -5.60
CBD HEM B . -0.24 8.40 -5.50
CGD HEM B . 0.41 9.68 -6.02
O1D HEM B . -0.34 10.62 -6.46
O2D HEM B . 1.68 9.74 -5.98
NA HEM B . -0.72 4.52 -0.91
NB HEM B . -2.20 2.20 -0.47
NC HEM B . -2.65 1.90 -3.37
ND HEM B . -1.14 4.34 -3.82
FE HEM B . -1.72 3.22 -2.15
C11 CPZ C . 4.42 2.79 -2.75
C10 CPZ C . 5.78 2.78 -2.77
C9 CPZ C . 6.49 1.70 -2.28
C8 CPZ C . 5.82 0.59 -1.81
C7 CPZ C . 4.47 0.62 -1.81
C6 CPZ C . 3.74 1.69 -2.26
C4 CPZ C . 2.38 1.61 -2.21
C2 CPZ C . 1.53 2.58 -2.48
N1 CPZ C . 0.36 2.09 -2.33
C5 CPZ C . 0.42 0.87 -1.97
N3 CPZ C . 1.68 0.55 -1.94
CL CPZ C . 8.18 1.66 -2.36
C7 CM5 D . 1.08 -9.66 -13.86
C8 CM5 D . 1.66 -8.67 -12.82
C9 CM5 D . 1.27 -9.02 -11.38
C10 CM5 D . 1.49 -10.50 -11.11
C11 CM5 D . 0.72 -11.34 -12.13
C6 CM5 D . 1.34 -11.16 -13.55
C5 CM5 D . 0.89 -12.23 -14.64
C4 CM5 D . 1.59 -13.66 -14.69
C3 CM5 D . 1.13 -14.84 -15.65
C2 CM5 D . 1.76 -15.07 -17.10
C1 CM5 D . 3.33 -14.87 -17.35
O12 CM5 D . 4.09 -16.07 -17.67
C7 CM5 E . 21.14 -0.30 9.32
C8 CM5 E . 20.24 0.11 8.12
C9 CM5 E . 20.18 1.62 7.96
C10 CM5 E . 19.89 2.32 9.29
C11 CM5 E . 20.48 1.63 10.53
C6 CM5 E . 21.77 0.90 10.11
C5 CM5 E . 22.83 0.55 11.27
C4 CM5 E . 23.35 1.69 12.26
C3 CM5 E . 24.59 1.47 13.24
C2 CM5 E . 26.05 1.32 12.60
S SCN F . -5.33 -26.00 14.31
C SCN F . -5.23 -27.72 13.94
N SCN F . -5.14 -28.80 13.68
S SCN G . -15.12 -16.53 13.54
C SCN G . -13.53 -17.33 13.63
N SCN G . -12.48 -17.80 13.65
S SCN H . -9.72 -12.47 21.73
C SCN H . -10.00 -10.76 22.12
N SCN H . -10.21 -9.65 22.29
S SCN I . 18.85 10.88 19.77
C SCN I . 20.32 11.44 18.91
N SCN I . 21.29 11.84 18.40
#